data_2UVJ
#
_entry.id   2UVJ
#
_cell.length_a   67.872
_cell.length_b   109.754
_cell.length_c   118.992
_cell.angle_alpha   90.00
_cell.angle_beta   90.00
_cell.angle_gamma   90.00
#
_symmetry.space_group_name_H-M   'C 2 2 21'
#
loop_
_entity.id
_entity.type
_entity.pdbx_description
1 polymer 'ABC TYPE PERIPLASMIC SUGAR-BINDING PROTEIN'
2 branched 'alpha-D-galactopyranuronic acid-(1-4)-alpha-D-galactopyranuronic acid-(1-4)-alpha-D-galactopyranuronic acid'
3 water water
#
_entity_poly.entity_id   1
_entity_poly.type   'polypeptide(L)'
_entity_poly.pdbx_seq_one_letter_code
;GSHMEVNLRMSWWGGNGRHQVTLKALEEFHKQHPNINVKAEYTGWDGHLSRLTTQIAGGTEPDVMQTNWNWLPIFSKDGT
GFYNLFSVKEQLDLAQFDPKELQQTTVNGKLNGIPISVTARIFYFNDATWAKAGLEYPKTWDELLAAGKVFKEKLGDQYY
PVVLEHQDTLALIRSYMTQKYNIPTIDEANKKFAYSPEQWVEFFTMYKTMVDNHVMPSTKYYASFGKSNMYEMKPWINGE
WAGTYMWNSTITKYSDNLTKPAKLVLGPYPMLPGAKDAGLFFKPAQMLSIGKSTKHPQESAMLINFLLNSKEGVEALGLE
RGVPLSATAVTQLRASGVIKDEDPSVAGLNMALELPHKMTTSPYFDDPQIVSLFGDAIQYIDYGQKTVQETAEYFNKQGD
RILKRAMR
;
_entity_poly.pdbx_strand_id   A
#
# COMPACT_ATOMS: atom_id res chain seq x y z
N GLU A 5 -25.71 -11.55 24.90
CA GLU A 5 -25.38 -10.36 24.06
C GLU A 5 -23.87 -10.07 24.08
N VAL A 6 -23.27 -10.02 22.89
CA VAL A 6 -21.85 -9.66 22.73
C VAL A 6 -21.76 -8.47 21.81
N ASN A 7 -21.19 -7.37 22.31
CA ASN A 7 -21.00 -6.20 21.47
C ASN A 7 -19.53 -6.05 21.07
N LEU A 8 -19.30 -6.08 19.76
CA LEU A 8 -17.97 -5.93 19.18
C LEU A 8 -17.87 -4.62 18.45
N ARG A 9 -16.64 -4.10 18.38
CA ARG A 9 -16.31 -2.96 17.53
C ARG A 9 -15.29 -3.41 16.49
N MET A 10 -15.50 -3.03 15.25
CA MET A 10 -14.54 -3.30 14.20
C MET A 10 -14.18 -2.03 13.44
N SER A 11 -12.88 -1.77 13.27
CA SER A 11 -12.44 -0.67 12.42
C SER A 11 -11.78 -1.18 11.15
N TRP A 12 -11.86 -0.38 10.08
CA TRP A 12 -11.05 -0.57 8.88
C TRP A 12 -10.94 0.75 8.12
N TRP A 13 -10.05 0.78 7.13
CA TRP A 13 -9.95 1.90 6.20
C TRP A 13 -10.18 1.40 4.78
N GLY A 14 -10.51 2.32 3.88
CA GLY A 14 -10.61 1.98 2.48
C GLY A 14 -11.44 3.00 1.73
N GLY A 15 -11.63 2.79 0.44
CA GLY A 15 -12.68 3.49 -0.28
C GLY A 15 -14.10 3.02 -0.04
N ASN A 16 -15.06 3.71 -0.64
CA ASN A 16 -16.46 3.42 -0.37
C ASN A 16 -16.94 2.08 -0.91
N GLY A 17 -16.39 1.64 -2.02
CA GLY A 17 -16.63 0.28 -2.46
C GLY A 17 -16.27 -0.73 -1.40
N ARG A 18 -15.09 -0.57 -0.78
CA ARG A 18 -14.73 -1.45 0.34
C ARG A 18 -15.65 -1.30 1.56
N HIS A 19 -16.00 -0.07 1.90
CA HIS A 19 -16.99 0.19 2.95
C HIS A 19 -18.31 -0.55 2.69
N GLN A 20 -18.77 -0.53 1.44
CA GLN A 20 -20.06 -1.12 1.08
C GLN A 20 -20.06 -2.64 1.33
N VAL A 21 -19.06 -3.33 0.79
CA VAL A 21 -18.97 -4.78 0.89
C VAL A 21 -18.76 -5.23 2.33
N THR A 22 -17.97 -4.47 3.09
CA THR A 22 -17.68 -4.82 4.47
C THR A 22 -18.93 -4.69 5.33
N LEU A 23 -19.69 -3.61 5.11
CA LEU A 23 -20.92 -3.38 5.86
C LEU A 23 -21.96 -4.48 5.56
N LYS A 24 -22.00 -4.89 4.31
CA LYS A 24 -22.93 -5.93 3.92
C LYS A 24 -22.52 -7.27 4.53
N ALA A 25 -21.21 -7.51 4.65
CA ALA A 25 -20.71 -8.72 5.32
C ALA A 25 -21.07 -8.72 6.80
N LEU A 26 -20.94 -7.57 7.46
CA LEU A 26 -21.33 -7.44 8.85
C LEU A 26 -22.82 -7.73 9.14
N GLU A 27 -23.71 -7.35 8.21
CA GLU A 27 -25.14 -7.66 8.42
C GLU A 27 -25.41 -9.18 8.31
N GLU A 28 -24.73 -9.84 7.36
CA GLU A 28 -24.84 -11.29 7.24
C GLU A 28 -24.32 -11.99 8.48
N PHE A 29 -23.16 -11.54 8.98
CA PHE A 29 -22.57 -12.11 10.18
C PHE A 29 -23.53 -12.02 11.34
N HIS A 30 -24.16 -10.87 11.50
CA HIS A 30 -25.13 -10.67 12.57
C HIS A 30 -26.41 -11.48 12.34
N LYS A 31 -26.82 -11.62 11.09
CA LYS A 31 -27.93 -12.52 10.72
C LYS A 31 -27.62 -13.95 11.14
N GLN A 32 -26.36 -14.36 10.95
CA GLN A 32 -25.91 -15.69 11.36
C GLN A 32 -25.67 -15.81 12.89
N HIS A 33 -25.53 -14.68 13.57
CA HIS A 33 -25.29 -14.68 15.00
C HIS A 33 -26.04 -13.56 15.68
N PRO A 34 -27.33 -13.74 15.89
CA PRO A 34 -28.18 -12.68 16.46
C PRO A 34 -27.65 -12.16 17.80
N ASN A 35 -26.88 -12.96 18.52
CA ASN A 35 -26.37 -12.51 19.79
C ASN A 35 -25.11 -11.63 19.72
N ILE A 36 -24.55 -11.49 18.51
CA ILE A 36 -23.36 -10.65 18.32
C ILE A 36 -23.60 -9.41 17.43
N ASN A 37 -23.39 -8.25 18.01
CA ASN A 37 -23.51 -6.99 17.29
C ASN A 37 -22.13 -6.44 17.00
N VAL A 38 -21.96 -5.90 15.80
CA VAL A 38 -20.69 -5.27 15.46
C VAL A 38 -20.95 -3.82 15.12
N LYS A 39 -20.32 -2.92 15.88
CA LYS A 39 -20.30 -1.50 15.56
C LYS A 39 -19.13 -1.27 14.61
N ALA A 40 -19.41 -0.70 13.45
CA ALA A 40 -18.39 -0.46 12.42
C ALA A 40 -17.79 0.93 12.55
N GLU A 41 -16.46 1.01 12.55
CA GLU A 41 -15.74 2.29 12.57
C GLU A 41 -14.81 2.37 11.37
N TYR A 42 -15.21 3.09 10.34
CA TYR A 42 -14.45 3.11 9.09
C TYR A 42 -14.22 4.51 8.56
N THR A 43 -13.04 4.71 7.96
CA THR A 43 -12.71 5.97 7.29
C THR A 43 -11.88 5.67 6.06
N GLY A 44 -11.46 6.73 5.37
CA GLY A 44 -10.42 6.62 4.36
C GLY A 44 -9.08 6.37 5.02
N TRP A 45 -8.05 6.13 4.22
CA TRP A 45 -6.70 5.97 4.69
C TRP A 45 -6.20 7.19 5.51
N ASP A 46 -6.55 8.40 5.05
CA ASP A 46 -6.02 9.61 5.69
C ASP A 46 -6.39 9.71 7.17
N GLY A 47 -5.37 9.82 8.01
CA GLY A 47 -5.50 9.91 9.45
C GLY A 47 -5.93 8.64 10.18
N HIS A 48 -6.04 7.52 9.47
CA HIS A 48 -6.54 6.32 10.09
C HIS A 48 -5.59 5.75 11.14
N LEU A 49 -4.32 5.67 10.80
CA LEU A 49 -3.30 5.21 11.74
C LEU A 49 -3.24 6.16 12.95
N SER A 50 -3.24 7.46 12.67
CA SER A 50 -3.18 8.47 13.73
C SER A 50 -4.29 8.22 14.74
N ARG A 51 -5.51 8.02 14.25
CA ARG A 51 -6.67 7.76 15.14
C ARG A 51 -6.52 6.45 15.91
N LEU A 52 -6.10 5.38 15.23
CA LEU A 52 -5.88 4.13 15.93
C LEU A 52 -4.76 4.25 16.98
N THR A 53 -3.72 5.01 16.68
CA THR A 53 -2.60 5.19 17.62
C THR A 53 -3.10 5.81 18.92
N THR A 54 -3.94 6.82 18.78
CA THR A 54 -4.57 7.44 19.94
C THR A 54 -5.40 6.43 20.74
N GLN A 55 -6.18 5.59 20.06
CA GLN A 55 -6.98 4.57 20.76
C GLN A 55 -6.11 3.58 21.52
N ILE A 56 -5.08 3.06 20.85
CA ILE A 56 -4.20 2.09 21.48
C ILE A 56 -3.46 2.72 22.67
N ALA A 57 -2.99 3.96 22.51
CA ALA A 57 -2.34 4.67 23.60
C ALA A 57 -3.23 4.77 24.86
N GLY A 58 -4.54 4.90 24.67
CA GLY A 58 -5.49 4.97 25.77
C GLY A 58 -6.22 3.68 26.13
N GLY A 59 -5.87 2.59 25.43
CA GLY A 59 -6.47 1.30 25.67
C GLY A 59 -7.92 1.19 25.25
N THR A 60 -8.31 1.94 24.21
CA THR A 60 -9.70 1.86 23.76
C THR A 60 -9.88 1.43 22.31
N GLU A 61 -8.92 0.66 21.80
CA GLU A 61 -8.95 0.21 20.41
C GLU A 61 -10.05 -0.86 20.19
N PRO A 62 -10.55 -1.00 18.96
CA PRO A 62 -11.62 -1.97 18.68
C PRO A 62 -11.22 -3.42 18.98
N ASP A 63 -12.22 -4.31 19.00
CA ASP A 63 -12.00 -5.75 19.18
C ASP A 63 -11.35 -6.38 17.95
N VAL A 64 -11.79 -5.92 16.78
CA VAL A 64 -11.25 -6.37 15.50
C VAL A 64 -10.78 -5.14 14.74
N MET A 65 -9.54 -5.17 14.25
CA MET A 65 -9.01 -4.03 13.49
C MET A 65 -8.43 -4.51 12.18
N GLN A 66 -8.72 -3.81 11.10
CA GLN A 66 -7.89 -3.98 9.91
C GLN A 66 -6.55 -3.30 10.24
N THR A 67 -5.45 -4.01 10.03
CA THR A 67 -4.13 -3.44 10.35
C THR A 67 -3.13 -3.52 9.20
N ASN A 68 -2.11 -2.67 9.27
CA ASN A 68 -1.07 -2.62 8.25
C ASN A 68 0.20 -3.29 8.74
N TRP A 69 0.92 -3.94 7.83
CA TRP A 69 2.10 -4.70 8.20
C TRP A 69 3.21 -3.82 8.80
N ASN A 70 3.29 -2.56 8.39
CA ASN A 70 4.33 -1.68 8.95
C ASN A 70 3.96 -1.17 10.34
N TRP A 71 2.74 -1.46 10.79
CA TRP A 71 2.33 -1.10 12.14
C TRP A 71 2.81 -2.10 13.19
N LEU A 72 3.20 -3.31 12.76
CA LEU A 72 3.70 -4.29 13.74
C LEU A 72 4.83 -3.80 14.67
N PRO A 73 5.87 -3.16 14.14
CA PRO A 73 6.90 -2.59 15.02
C PRO A 73 6.39 -1.40 15.84
N ILE A 74 5.39 -0.69 15.32
CA ILE A 74 4.86 0.50 15.99
C ILE A 74 4.11 0.10 17.28
N PHE A 75 3.33 -0.97 17.19
CA PHE A 75 2.43 -1.35 18.32
C PHE A 75 2.80 -2.65 18.97
N SER A 76 3.66 -3.42 18.32
CA SER A 76 3.91 -4.79 18.77
C SER A 76 5.35 -5.23 18.57
N LYS A 77 6.28 -4.40 19.04
CA LYS A 77 7.69 -4.75 18.92
C LYS A 77 8.03 -6.11 19.56
N ASP A 78 7.39 -6.45 20.67
CA ASP A 78 7.62 -7.76 21.30
C ASP A 78 6.49 -8.79 20.99
N GLY A 79 5.63 -8.46 20.05
CA GLY A 79 4.57 -9.35 19.58
C GLY A 79 3.33 -9.46 20.45
N THR A 80 3.29 -8.71 21.56
CA THR A 80 2.16 -8.73 22.50
C THR A 80 1.18 -7.56 22.32
N GLY A 81 1.42 -6.72 21.32
CA GLY A 81 0.59 -5.54 21.09
C GLY A 81 -0.80 -5.81 20.53
N PHE A 82 -0.97 -6.99 19.93
CA PHE A 82 -2.28 -7.46 19.48
C PHE A 82 -2.47 -8.83 20.07
N TYR A 83 -3.71 -9.28 20.11
CA TYR A 83 -4.04 -10.59 20.66
C TYR A 83 -3.38 -11.67 19.81
N ASN A 84 -2.86 -12.69 20.49
CA ASN A 84 -2.17 -13.80 19.83
C ASN A 84 -3.20 -14.74 19.21
N LEU A 85 -3.25 -14.75 17.88
CA LEU A 85 -4.27 -15.49 17.14
C LEU A 85 -4.08 -17.01 17.22
N PHE A 86 -2.91 -17.46 17.63
CA PHE A 86 -2.74 -18.88 17.95
C PHE A 86 -3.64 -19.30 19.13
N SER A 87 -4.06 -18.33 19.95
CA SER A 87 -4.91 -18.61 21.12
C SER A 87 -6.37 -18.76 20.75
N VAL A 88 -6.71 -18.38 19.52
CA VAL A 88 -8.10 -18.52 19.07
C VAL A 88 -8.24 -19.43 17.85
N LYS A 89 -7.31 -20.38 17.74
CA LYS A 89 -7.28 -21.24 16.58
C LYS A 89 -8.51 -22.16 16.48
N GLU A 90 -9.23 -22.34 17.59
CA GLU A 90 -10.52 -23.05 17.57
C GLU A 90 -11.60 -22.37 16.71
N GLN A 91 -11.58 -21.04 16.69
CA GLN A 91 -12.60 -20.27 15.95
C GLN A 91 -12.11 -19.87 14.57
N LEU A 92 -10.79 -19.88 14.39
CA LEU A 92 -10.17 -19.27 13.21
C LEU A 92 -9.34 -20.33 12.52
N ASP A 93 -9.70 -20.62 11.26
CA ASP A 93 -9.07 -21.70 10.47
C ASP A 93 -7.75 -21.20 9.88
N LEU A 94 -6.66 -21.37 10.63
CA LEU A 94 -5.37 -20.82 10.21
C LEU A 94 -4.75 -21.58 9.03
N ALA A 95 -5.15 -22.83 8.87
CA ALA A 95 -4.60 -23.71 7.82
C ALA A 95 -4.89 -23.21 6.40
N GLN A 96 -5.83 -22.27 6.27
CA GLN A 96 -6.17 -21.70 4.95
C GLN A 96 -5.09 -20.75 4.41
N PHE A 97 -4.18 -20.34 5.28
CA PHE A 97 -3.20 -19.30 4.95
C PHE A 97 -1.82 -19.90 4.86
N ASP A 98 -1.08 -19.50 3.83
CA ASP A 98 0.25 -20.05 3.62
C ASP A 98 1.15 -19.71 4.83
N PRO A 99 1.88 -20.70 5.37
CA PRO A 99 2.70 -20.52 6.57
C PRO A 99 3.78 -19.44 6.43
N LYS A 100 4.27 -19.23 5.21
CA LYS A 100 5.27 -18.21 4.94
C LYS A 100 4.65 -16.82 4.97
N GLU A 101 3.36 -16.75 4.63
CA GLU A 101 2.65 -15.51 4.73
C GLU A 101 2.35 -15.22 6.21
N LEU A 102 2.00 -16.24 6.96
CA LEU A 102 1.76 -16.08 8.41
C LEU A 102 3.03 -15.68 9.16
N GLN A 103 4.17 -16.21 8.72
CA GLN A 103 5.44 -15.76 9.29
C GLN A 103 5.60 -14.23 9.22
N GLN A 104 5.15 -13.61 8.12
CA GLN A 104 5.26 -12.15 7.95
C GLN A 104 4.40 -11.36 8.95
N THR A 105 3.39 -12.01 9.53
CA THR A 105 2.49 -11.35 10.48
C THR A 105 2.65 -11.92 11.89
N THR A 106 3.76 -12.63 12.10
CA THR A 106 4.09 -13.22 13.40
C THR A 106 5.29 -12.46 13.99
N VAL A 107 5.23 -12.21 15.30
CA VAL A 107 6.29 -11.46 15.97
C VAL A 107 6.59 -12.18 17.26
N ASN A 108 7.86 -12.48 17.50
CA ASN A 108 8.27 -13.27 18.69
C ASN A 108 7.35 -14.47 18.95
N GLY A 109 6.98 -15.15 17.86
CA GLY A 109 6.22 -16.38 17.93
C GLY A 109 4.72 -16.19 18.12
N LYS A 110 4.26 -14.94 18.11
CA LYS A 110 2.86 -14.66 18.38
C LYS A 110 2.25 -14.13 17.09
N LEU A 111 1.13 -14.72 16.70
CA LEU A 111 0.48 -14.40 15.44
C LEU A 111 -0.34 -13.11 15.65
N ASN A 112 0.13 -12.02 15.05
CA ASN A 112 -0.47 -10.70 15.33
C ASN A 112 -1.59 -10.27 14.41
N GLY A 113 -1.72 -10.96 13.27
CA GLY A 113 -2.81 -10.65 12.33
C GLY A 113 -2.91 -11.73 11.27
N ILE A 114 -4.06 -11.83 10.60
CA ILE A 114 -4.18 -12.75 9.45
C ILE A 114 -3.95 -11.88 8.21
N PRO A 115 -2.93 -12.20 7.39
CA PRO A 115 -2.71 -11.45 6.15
C PRO A 115 -3.85 -11.75 5.15
N ILE A 116 -4.51 -10.70 4.62
CA ILE A 116 -5.73 -10.87 3.83
C ILE A 116 -5.37 -11.21 2.36
N SER A 117 -4.33 -10.53 1.88
CA SER A 117 -3.87 -10.56 0.49
C SER A 117 -2.44 -10.05 0.48
N VAL A 118 -1.74 -10.25 -0.64
CA VAL A 118 -0.45 -9.59 -0.83
C VAL A 118 -0.56 -8.52 -1.91
N THR A 119 0.44 -7.64 -1.94
CA THR A 119 0.39 -6.52 -2.84
C THR A 119 1.77 -5.91 -3.12
N ALA A 120 1.88 -5.21 -4.24
CA ALA A 120 3.06 -4.45 -4.54
C ALA A 120 2.61 -3.20 -5.24
N ARG A 121 3.40 -2.13 -5.14
CA ARG A 121 3.13 -0.96 -5.97
C ARG A 121 3.64 -1.25 -7.37
N ILE A 122 2.78 -1.07 -8.36
CA ILE A 122 3.20 -1.21 -9.74
C ILE A 122 2.54 -0.09 -10.55
N PHE A 123 2.90 -0.02 -11.84
CA PHE A 123 2.42 1.06 -12.68
C PHE A 123 1.10 0.71 -13.32
N TYR A 124 0.13 1.60 -13.15
CA TYR A 124 -1.15 1.53 -13.85
C TYR A 124 -1.36 2.84 -14.57
N PHE A 125 -1.81 2.75 -15.82
CA PHE A 125 -1.91 3.92 -16.67
C PHE A 125 -3.29 4.12 -17.21
N ASN A 126 -3.63 5.40 -17.42
CA ASN A 126 -4.89 5.78 -18.01
C ASN A 126 -4.80 5.55 -19.53
N ASP A 127 -5.56 4.59 -20.03
CA ASP A 127 -5.38 4.19 -21.43
C ASP A 127 -5.86 5.25 -22.40
N ALA A 128 -6.92 5.98 -22.04
CA ALA A 128 -7.43 7.08 -22.87
C ALA A 128 -6.37 8.15 -23.11
N THR A 129 -5.69 8.60 -22.06
CA THR A 129 -4.68 9.67 -22.19
C THR A 129 -3.43 9.23 -22.94
N TRP A 130 -2.90 8.06 -22.60
CA TRP A 130 -1.75 7.53 -23.30
C TRP A 130 -2.04 7.34 -24.80
N ALA A 131 -3.27 6.92 -25.14
CA ALA A 131 -3.67 6.85 -26.56
C ALA A 131 -3.64 8.24 -27.22
N LYS A 132 -4.14 9.26 -26.52
CA LYS A 132 -4.07 10.63 -27.03
C LYS A 132 -2.62 11.09 -27.25
N ALA A 133 -1.73 10.73 -26.33
CA ALA A 133 -0.33 11.06 -26.45
C ALA A 133 0.35 10.29 -27.57
N GLY A 134 -0.26 9.18 -28.00
CA GLY A 134 0.32 8.30 -29.00
C GLY A 134 1.56 7.55 -28.54
N LEU A 135 1.75 7.44 -27.22
CA LEU A 135 2.92 6.76 -26.65
C LEU A 135 2.55 5.38 -26.12
N GLU A 136 3.45 4.43 -26.27
CA GLU A 136 3.26 3.17 -25.57
C GLU A 136 3.78 3.31 -24.14
N TYR A 137 3.36 2.40 -23.27
CA TYR A 137 3.72 2.49 -21.86
C TYR A 137 5.23 2.24 -21.72
N PRO A 138 5.88 2.95 -20.80
CA PRO A 138 7.34 2.84 -20.66
C PRO A 138 7.77 1.42 -20.30
N LYS A 139 8.82 0.94 -20.95
CA LYS A 139 9.32 -0.41 -20.67
C LYS A 139 10.60 -0.31 -19.87
N THR A 140 11.13 0.90 -19.84
CA THR A 140 12.39 1.19 -19.15
C THR A 140 12.28 2.47 -18.37
N TRP A 141 13.23 2.67 -17.46
CA TRP A 141 13.26 3.89 -16.68
C TRP A 141 13.51 5.09 -17.60
N ASP A 142 14.37 4.91 -18.59
CA ASP A 142 14.60 5.96 -19.60
C ASP A 142 13.33 6.39 -20.30
N GLU A 143 12.50 5.43 -20.72
CA GLU A 143 11.24 5.76 -21.38
C GLU A 143 10.25 6.47 -20.45
N LEU A 144 10.27 6.11 -19.17
CA LEU A 144 9.44 6.83 -18.21
C LEU A 144 9.84 8.31 -18.13
N LEU A 145 11.14 8.54 -17.96
CA LEU A 145 11.67 9.90 -17.89
C LEU A 145 11.40 10.68 -19.17
N ALA A 146 11.49 9.98 -20.31
CA ALA A 146 11.27 10.59 -21.63
C ALA A 146 9.81 10.90 -21.93
N ALA A 147 8.89 10.21 -21.25
CA ALA A 147 7.45 10.39 -21.49
C ALA A 147 6.97 11.79 -21.13
N GLY A 148 7.60 12.40 -20.13
CA GLY A 148 7.16 13.68 -19.63
C GLY A 148 7.17 14.77 -20.68
N LYS A 149 8.29 14.88 -21.41
CA LYS A 149 8.42 15.86 -22.50
C LYS A 149 7.36 15.65 -23.58
N VAL A 150 7.10 14.40 -23.93
CA VAL A 150 6.09 14.07 -24.94
C VAL A 150 4.69 14.48 -24.49
N PHE A 151 4.36 14.17 -23.24
CA PHE A 151 3.08 14.57 -22.68
C PHE A 151 2.93 16.09 -22.73
N LYS A 152 3.96 16.77 -22.21
CA LYS A 152 3.95 18.23 -22.08
C LYS A 152 3.76 18.91 -23.44
N GLU A 153 4.46 18.40 -24.44
CA GLU A 153 4.45 19.00 -25.77
C GLU A 153 3.27 18.60 -26.65
N LYS A 154 2.92 17.31 -26.64
CA LYS A 154 1.85 16.78 -27.48
C LYS A 154 0.45 17.08 -26.92
N LEU A 155 0.29 16.97 -25.60
CA LEU A 155 -1.03 17.15 -25.01
C LEU A 155 -1.17 18.51 -24.31
N GLY A 156 -0.11 18.96 -23.63
CA GLY A 156 -0.15 20.25 -22.97
C GLY A 156 0.47 20.22 -21.59
N ASP A 157 0.78 21.39 -21.06
CA ASP A 157 1.47 21.52 -19.79
C ASP A 157 0.76 20.84 -18.64
N GLN A 158 -0.56 20.77 -18.71
CA GLN A 158 -1.34 20.22 -17.59
C GLN A 158 -1.29 18.68 -17.52
N TYR A 159 -0.74 18.06 -18.57
CA TYR A 159 -0.71 16.59 -18.71
C TYR A 159 0.61 15.98 -18.25
N TYR A 160 0.50 14.88 -17.50
CA TYR A 160 1.64 14.22 -16.86
C TYR A 160 1.45 12.71 -17.05
N PRO A 161 2.52 12.01 -17.39
CA PRO A 161 2.47 10.55 -17.52
C PRO A 161 1.85 9.86 -16.31
N VAL A 162 2.25 10.33 -15.13
CA VAL A 162 1.73 9.77 -13.87
C VAL A 162 1.59 10.89 -12.86
N VAL A 163 0.87 10.62 -11.78
CA VAL A 163 0.99 11.43 -10.57
C VAL A 163 1.48 10.55 -9.44
N LEU A 164 2.33 11.11 -8.58
CA LEU A 164 2.93 10.35 -7.49
C LEU A 164 2.79 11.15 -6.20
N GLU A 165 2.14 10.58 -5.19
CA GLU A 165 2.25 11.18 -3.85
C GLU A 165 3.67 10.89 -3.35
N HIS A 166 4.13 11.58 -2.32
CA HIS A 166 5.50 11.41 -1.90
C HIS A 166 5.88 9.99 -1.42
N GLN A 167 4.96 9.31 -0.77
CA GLN A 167 5.18 7.92 -0.39
C GLN A 167 5.39 7.03 -1.64
N ASP A 168 4.61 7.25 -2.69
CA ASP A 168 4.74 6.50 -3.95
C ASP A 168 6.13 6.73 -4.56
N THR A 169 6.54 7.99 -4.57
CA THR A 169 7.86 8.38 -5.07
C THR A 169 9.00 7.74 -4.29
N LEU A 170 8.86 7.70 -2.98
CA LEU A 170 9.86 7.06 -2.13
C LEU A 170 10.05 5.59 -2.51
N ALA A 171 8.93 4.89 -2.70
CA ALA A 171 8.98 3.46 -3.10
C ALA A 171 9.58 3.30 -4.52
N LEU A 172 9.20 4.19 -5.42
CA LEU A 172 9.59 4.12 -6.84
C LEU A 172 11.09 4.31 -6.99
N ILE A 173 11.63 5.35 -6.36
CA ILE A 173 13.08 5.58 -6.47
C ILE A 173 13.86 4.52 -5.70
N ARG A 174 13.33 4.03 -4.58
CA ARG A 174 13.93 2.86 -3.95
C ARG A 174 14.03 1.69 -4.92
N SER A 175 12.97 1.44 -5.69
CA SER A 175 12.96 0.32 -6.64
C SER A 175 14.14 0.44 -7.61
N TYR A 176 14.28 1.65 -8.15
CA TYR A 176 15.36 1.96 -9.06
C TYR A 176 16.72 1.71 -8.41
N MET A 177 16.92 2.21 -7.18
CA MET A 177 18.20 2.04 -6.47
C MET A 177 18.48 0.58 -6.13
N THR A 178 17.42 -0.19 -5.83
CA THR A 178 17.59 -1.62 -5.56
C THR A 178 18.01 -2.38 -6.82
N GLN A 179 17.42 -2.01 -7.94
CA GLN A 179 17.78 -2.58 -9.25
C GLN A 179 19.25 -2.33 -9.55
N LYS A 180 19.72 -1.11 -9.25
CA LYS A 180 21.09 -0.71 -9.56
C LYS A 180 22.14 -1.33 -8.65
N TYR A 181 21.85 -1.36 -7.35
CA TYR A 181 22.86 -1.64 -6.35
C TYR A 181 22.63 -2.91 -5.56
N ASN A 182 21.42 -3.47 -5.67
CA ASN A 182 21.10 -4.76 -5.02
C ASN A 182 21.48 -4.83 -3.54
N ILE A 183 21.17 -3.77 -2.79
CA ILE A 183 21.36 -3.75 -1.35
C ILE A 183 20.07 -3.32 -0.65
N PRO A 184 19.84 -3.82 0.56
CA PRO A 184 18.68 -3.37 1.33
C PRO A 184 18.81 -1.89 1.61
N THR A 185 17.69 -1.21 1.55
CA THR A 185 17.60 0.21 1.85
C THR A 185 17.90 0.52 3.31
N ILE A 186 17.46 -0.36 4.20
CA ILE A 186 17.73 -0.19 5.62
C ILE A 186 18.63 -1.28 6.13
N ASP A 187 19.62 -0.85 6.89
CA ASP A 187 20.57 -1.72 7.52
C ASP A 187 19.96 -1.93 8.91
N GLU A 188 19.14 -2.98 9.04
CA GLU A 188 18.40 -3.17 10.29
C GLU A 188 19.32 -3.41 11.50
N ALA A 189 20.42 -4.13 11.29
CA ALA A 189 21.41 -4.40 12.34
C ALA A 189 21.98 -3.12 13.00
N ASN A 190 22.36 -2.15 12.17
CA ASN A 190 22.97 -0.93 12.66
C ASN A 190 21.97 0.21 12.86
N LYS A 191 20.67 -0.11 12.75
CA LYS A 191 19.56 0.85 12.89
C LYS A 191 19.80 2.14 12.12
N LYS A 192 20.00 2.03 10.81
CA LYS A 192 20.33 3.17 9.95
C LYS A 192 20.07 2.84 8.49
N PHE A 193 19.99 3.88 7.67
CA PHE A 193 19.99 3.71 6.22
C PHE A 193 21.32 3.17 5.69
N ALA A 194 21.22 2.31 4.69
CA ALA A 194 22.37 1.61 4.14
C ALA A 194 23.09 2.42 3.05
N TYR A 195 22.40 3.38 2.43
CA TYR A 195 22.96 4.12 1.29
C TYR A 195 24.15 5.03 1.69
N SER A 196 25.14 5.13 0.83
CA SER A 196 26.22 6.11 0.99
C SER A 196 25.64 7.54 0.83
N PRO A 197 26.37 8.58 1.26
CA PRO A 197 25.87 9.95 1.03
C PRO A 197 25.71 10.19 -0.47
N GLU A 198 26.55 9.53 -1.28
CA GLU A 198 26.48 9.66 -2.73
C GLU A 198 25.21 9.03 -3.30
N GLN A 199 24.81 7.88 -2.77
CA GLN A 199 23.58 7.24 -3.22
C GLN A 199 22.36 8.06 -2.86
N TRP A 200 22.41 8.77 -1.74
CA TRP A 200 21.31 9.67 -1.37
C TRP A 200 21.27 10.89 -2.29
N VAL A 201 22.44 11.40 -2.65
CA VAL A 201 22.47 12.42 -3.71
C VAL A 201 21.85 11.87 -4.99
N GLU A 202 22.21 10.65 -5.37
CA GLU A 202 21.62 10.03 -6.57
C GLU A 202 20.10 9.93 -6.49
N PHE A 203 19.62 9.57 -5.31
CA PHE A 203 18.20 9.35 -5.05
C PHE A 203 17.46 10.66 -5.29
N PHE A 204 17.94 11.73 -4.67
CA PHE A 204 17.21 12.98 -4.80
C PHE A 204 17.42 13.67 -6.14
N THR A 205 18.56 13.37 -6.75
CA THR A 205 18.83 13.85 -8.10
C THR A 205 17.85 13.17 -9.08
N MET A 206 17.55 11.90 -8.88
CA MET A 206 16.54 11.25 -9.71
C MET A 206 15.17 11.90 -9.58
N TYR A 207 14.80 12.24 -8.35
CA TYR A 207 13.56 12.97 -8.12
C TYR A 207 13.58 14.26 -8.92
N LYS A 208 14.66 15.02 -8.77
CA LYS A 208 14.78 16.30 -9.49
C LYS A 208 14.71 16.10 -10.99
N THR A 209 15.39 15.06 -11.48
CA THR A 209 15.34 14.74 -12.90
C THR A 209 13.91 14.46 -13.34
N MET A 210 13.15 13.70 -12.53
CA MET A 210 11.78 13.34 -12.93
C MET A 210 10.87 14.56 -12.94
N VAL A 211 11.01 15.44 -11.94
CA VAL A 211 10.21 16.66 -11.89
C VAL A 211 10.57 17.61 -13.06
N ASP A 212 11.87 17.80 -13.31
CA ASP A 212 12.36 18.63 -14.42
C ASP A 212 11.87 18.14 -15.77
N ASN A 213 11.72 16.81 -15.90
CA ASN A 213 11.34 16.18 -17.16
C ASN A 213 9.82 16.00 -17.30
N HIS A 214 9.05 16.60 -16.38
CA HIS A 214 7.59 16.61 -16.45
C HIS A 214 6.96 15.20 -16.33
N VAL A 215 7.60 14.31 -15.59
CA VAL A 215 7.09 12.95 -15.39
C VAL A 215 5.84 12.94 -14.50
N MET A 216 5.90 13.72 -13.42
CA MET A 216 4.81 13.85 -12.48
C MET A 216 4.77 15.28 -11.94
N PRO A 217 3.63 15.71 -11.39
CA PRO A 217 3.59 17.02 -10.73
C PRO A 217 4.65 17.20 -9.66
N SER A 218 5.24 18.40 -9.59
CA SER A 218 6.09 18.75 -8.45
C SER A 218 5.18 18.84 -7.24
N THR A 219 5.75 18.90 -6.04
CA THR A 219 4.93 19.06 -4.84
C THR A 219 4.23 20.41 -4.82
N LYS A 220 4.91 21.43 -5.36
CA LYS A 220 4.35 22.79 -5.45
C LYS A 220 3.14 22.84 -6.38
N TYR A 221 3.28 22.26 -7.56
CA TYR A 221 2.17 22.15 -8.49
C TYR A 221 1.02 21.30 -7.93
N TYR A 222 1.35 20.17 -7.32
CA TYR A 222 0.36 19.31 -6.67
C TYR A 222 -0.40 20.08 -5.58
N ALA A 223 0.29 20.95 -4.84
CA ALA A 223 -0.35 21.71 -3.77
C ALA A 223 -1.38 22.72 -4.27
N SER A 224 -1.23 23.13 -5.52
CA SER A 224 -2.10 24.14 -6.12
C SER A 224 -3.54 23.67 -6.32
N PHE A 225 -3.78 22.40 -6.06
CA PHE A 225 -5.08 21.78 -6.21
C PHE A 225 -5.73 21.62 -4.85
N GLY A 226 -4.96 21.81 -3.80
CA GLY A 226 -4.23 20.72 -3.20
C GLY A 226 -4.62 20.49 -1.76
N LYS A 227 -5.84 19.98 -1.59
CA LYS A 227 -6.14 18.92 -0.61
C LYS A 227 -7.49 18.26 -0.91
N SER A 228 -7.48 17.13 -1.61
CA SER A 228 -8.36 16.02 -1.33
C SER A 228 -7.51 14.75 -1.37
N ASN A 229 -8.17 13.61 -1.44
CA ASN A 229 -7.51 12.37 -1.81
C ASN A 229 -7.13 12.41 -3.29
N MET A 230 -6.02 11.79 -3.65
CA MET A 230 -5.46 11.86 -5.00
C MET A 230 -6.47 11.38 -6.06
N TYR A 231 -7.15 10.28 -5.76
CA TYR A 231 -8.14 9.67 -6.66
C TYR A 231 -9.44 10.49 -6.82
N GLU A 232 -9.58 11.52 -6.00
CA GLU A 232 -10.74 12.41 -6.05
C GLU A 232 -10.38 13.77 -6.64
N MET A 233 -9.14 13.94 -7.07
CA MET A 233 -8.75 15.20 -7.67
C MET A 233 -9.13 15.32 -9.14
N LYS A 234 -9.53 16.51 -9.54
CA LYS A 234 -10.04 16.76 -10.89
C LYS A 234 -9.11 16.29 -12.05
N PRO A 235 -7.81 16.62 -12.01
CA PRO A 235 -6.89 16.12 -13.03
C PRO A 235 -6.70 14.60 -13.03
N TRP A 236 -6.92 13.93 -11.90
CA TRP A 236 -7.03 12.46 -11.91
C TRP A 236 -8.29 12.02 -12.68
N ILE A 237 -9.44 12.54 -12.25
CA ILE A 237 -10.72 12.18 -12.83
C ILE A 237 -10.75 12.42 -14.34
N ASN A 238 -10.31 13.59 -14.78
CA ASN A 238 -10.38 13.94 -16.20
C ASN A 238 -9.22 13.43 -17.08
N GLY A 239 -8.29 12.67 -16.50
CA GLY A 239 -7.23 12.00 -17.26
C GLY A 239 -5.96 12.79 -17.52
N GLU A 240 -5.81 13.94 -16.87
CA GLU A 240 -4.62 14.76 -17.12
C GLU A 240 -3.40 14.18 -16.40
N TRP A 241 -3.63 13.54 -15.27
CA TRP A 241 -2.59 12.82 -14.54
C TRP A 241 -2.85 11.37 -14.91
N ALA A 242 -2.00 10.83 -15.77
CA ALA A 242 -2.38 9.68 -16.58
C ALA A 242 -1.89 8.34 -16.04
N GLY A 243 -1.66 8.27 -14.73
CA GLY A 243 -1.17 7.03 -14.15
C GLY A 243 -0.79 7.15 -12.69
N THR A 244 -0.54 6.00 -12.08
CA THR A 244 -0.26 5.90 -10.66
C THR A 244 0.62 4.69 -10.41
N TYR A 245 1.45 4.77 -9.38
CA TYR A 245 2.34 3.69 -8.96
C TYR A 245 1.72 3.24 -7.64
N MET A 246 0.93 2.19 -7.71
CA MET A 246 -0.09 1.96 -6.69
C MET A 246 -0.29 0.46 -6.44
N TRP A 247 -0.71 0.13 -5.21
CA TRP A 247 -1.06 -1.24 -4.79
C TRP A 247 -2.13 -1.89 -5.66
N ASN A 248 -1.88 -3.10 -6.16
CA ASN A 248 -2.94 -3.82 -6.86
C ASN A 248 -4.14 -4.11 -5.94
N SER A 249 -3.89 -4.21 -4.64
CA SER A 249 -4.92 -4.54 -3.65
C SER A 249 -6.02 -3.47 -3.48
N THR A 250 -5.77 -2.26 -3.97
CA THR A 250 -6.74 -1.19 -3.85
C THR A 250 -6.83 -0.36 -5.14
N ILE A 251 -6.44 -0.95 -6.27
CA ILE A 251 -6.45 -0.19 -7.53
C ILE A 251 -7.84 0.29 -8.01
N THR A 252 -8.93 -0.41 -7.63
CA THR A 252 -10.25 0.07 -8.06
C THR A 252 -10.68 1.37 -7.36
N LYS A 253 -10.09 1.68 -6.21
CA LYS A 253 -10.34 2.97 -5.55
C LYS A 253 -9.94 4.10 -6.51
N TYR A 254 -8.98 3.79 -7.38
CA TYR A 254 -8.45 4.72 -8.38
C TYR A 254 -9.17 4.63 -9.72
N SER A 255 -9.30 3.41 -10.23
CA SER A 255 -9.95 3.20 -11.53
C SER A 255 -11.45 3.57 -11.53
N ASP A 256 -12.12 3.40 -10.38
CA ASP A 256 -13.56 3.72 -10.24
C ASP A 256 -13.85 5.20 -10.50
N ASN A 257 -12.87 6.07 -10.23
CA ASN A 257 -13.11 7.50 -10.42
C ASN A 257 -12.74 8.08 -11.80
N LEU A 258 -12.19 7.27 -12.71
CA LEU A 258 -11.90 7.74 -14.07
C LEU A 258 -13.17 8.02 -14.86
N THR A 259 -13.02 8.80 -15.93
CA THR A 259 -14.13 9.20 -16.76
C THR A 259 -14.28 8.18 -17.87
N LYS A 260 -15.38 7.43 -17.85
CA LYS A 260 -15.66 6.41 -18.87
C LYS A 260 -15.57 7.06 -20.27
N PRO A 261 -15.07 6.34 -21.26
CA PRO A 261 -14.62 4.94 -21.15
C PRO A 261 -13.12 4.75 -20.82
N ALA A 262 -12.50 5.72 -20.13
CA ALA A 262 -11.09 5.55 -19.77
C ALA A 262 -10.97 4.44 -18.73
N LYS A 263 -9.92 3.65 -18.85
CA LYS A 263 -9.65 2.60 -17.87
C LYS A 263 -8.22 2.70 -17.38
N LEU A 264 -7.98 2.22 -16.16
CA LEU A 264 -6.60 2.01 -15.70
C LEU A 264 -6.15 0.63 -16.14
N VAL A 265 -5.00 0.60 -16.81
CA VAL A 265 -4.47 -0.61 -17.40
C VAL A 265 -3.10 -0.87 -16.78
N LEU A 266 -2.76 -2.13 -16.60
CA LEU A 266 -1.47 -2.50 -16.09
C LEU A 266 -0.37 -2.14 -17.10
N GLY A 267 0.67 -1.47 -16.62
CA GLY A 267 1.82 -1.14 -17.43
C GLY A 267 2.97 -2.09 -17.17
N PRO A 268 4.01 -2.04 -18.00
CA PRO A 268 5.25 -2.76 -17.75
C PRO A 268 5.91 -2.28 -16.47
N TYR A 269 6.76 -3.13 -15.91
CA TYR A 269 7.57 -2.68 -14.79
C TYR A 269 9.01 -2.44 -15.26
N PRO A 270 9.50 -1.21 -15.20
CA PRO A 270 10.83 -0.91 -15.73
C PRO A 270 11.90 -1.68 -14.99
N MET A 271 12.82 -2.27 -15.75
CA MET A 271 13.89 -3.04 -15.17
C MET A 271 15.18 -2.57 -15.80
N LEU A 272 16.15 -2.21 -14.97
CA LEU A 272 17.49 -1.88 -15.50
C LEU A 272 18.14 -3.13 -16.08
N PRO A 273 18.74 -3.03 -17.27
CA PRO A 273 19.55 -4.16 -17.77
C PRO A 273 20.55 -4.56 -16.69
N GLY A 274 20.59 -5.86 -16.40
CA GLY A 274 21.56 -6.38 -15.46
C GLY A 274 21.08 -6.40 -14.03
N ALA A 275 19.87 -5.88 -13.77
CA ALA A 275 19.32 -5.88 -12.41
C ALA A 275 19.06 -7.31 -11.97
N LYS A 276 19.39 -7.60 -10.72
CA LYS A 276 19.16 -8.89 -10.13
C LYS A 276 17.84 -8.93 -9.32
N ASP A 277 17.29 -7.75 -9.07
CA ASP A 277 16.10 -7.62 -8.24
C ASP A 277 15.35 -6.39 -8.69
N ALA A 278 14.04 -6.53 -8.86
CA ALA A 278 13.16 -5.44 -9.28
C ALA A 278 12.99 -4.32 -8.21
N GLY A 279 13.33 -4.63 -6.96
CA GLY A 279 13.11 -3.70 -5.85
C GLY A 279 11.66 -3.33 -5.59
N LEU A 280 10.79 -4.34 -5.66
CA LEU A 280 9.38 -4.10 -5.37
C LEU A 280 9.18 -3.84 -3.88
N PHE A 281 8.19 -3.01 -3.57
CA PHE A 281 7.71 -2.98 -2.21
C PHE A 281 6.60 -4.02 -2.16
N PHE A 282 6.97 -5.27 -1.85
CA PHE A 282 6.04 -6.39 -1.88
C PHE A 282 5.81 -6.82 -0.44
N LYS A 283 4.54 -6.97 -0.04
CA LYS A 283 4.22 -7.19 1.37
C LYS A 283 2.82 -7.70 1.55
N PRO A 284 2.50 -8.20 2.75
CA PRO A 284 1.09 -8.42 3.06
C PRO A 284 0.40 -7.07 2.93
N ALA A 285 -0.72 -7.04 2.23
CA ALA A 285 -1.44 -5.79 1.93
C ALA A 285 -2.00 -5.18 3.20
N GLN A 286 -2.61 -6.04 4.02
CA GLN A 286 -3.28 -5.66 5.26
C GLN A 286 -3.66 -6.93 6.01
N MET A 287 -4.03 -6.77 7.28
CA MET A 287 -4.34 -7.92 8.13
C MET A 287 -5.65 -7.67 8.82
N LEU A 288 -6.26 -8.73 9.35
CA LEU A 288 -7.23 -8.55 10.41
C LEU A 288 -6.59 -9.00 11.71
N SER A 289 -6.67 -8.13 12.72
CA SER A 289 -6.12 -8.38 14.04
C SER A 289 -7.18 -8.24 15.11
N ILE A 290 -6.90 -8.83 16.27
CA ILE A 290 -7.77 -8.74 17.44
C ILE A 290 -7.08 -7.87 18.50
N GLY A 291 -7.86 -6.98 19.12
CA GLY A 291 -7.38 -6.18 20.25
C GLY A 291 -6.76 -6.99 21.40
N LYS A 292 -5.59 -6.55 21.86
CA LYS A 292 -4.83 -7.18 22.93
C LYS A 292 -5.69 -7.48 24.18
N SER A 293 -6.58 -6.56 24.48
CA SER A 293 -7.36 -6.60 25.72
C SER A 293 -8.85 -6.78 25.48
N THR A 294 -9.21 -7.25 24.28
CA THR A 294 -10.61 -7.55 24.03
C THR A 294 -11.18 -8.46 25.11
N LYS A 295 -12.42 -8.16 25.49
CA LYS A 295 -13.16 -8.98 26.44
C LYS A 295 -13.82 -10.15 25.70
N HIS A 296 -13.76 -10.12 24.36
CA HIS A 296 -14.39 -11.13 23.50
C HIS A 296 -13.50 -11.70 22.39
N PRO A 297 -12.40 -12.36 22.75
CA PRO A 297 -11.45 -12.87 21.73
C PRO A 297 -12.12 -13.92 20.85
N GLN A 298 -12.94 -14.79 21.42
CA GLN A 298 -13.57 -15.86 20.62
C GLN A 298 -14.55 -15.34 19.61
N GLU A 299 -15.41 -14.40 20.01
CA GLU A 299 -16.37 -13.82 19.08
C GLU A 299 -15.62 -12.97 18.04
N SER A 300 -14.55 -12.31 18.46
CA SER A 300 -13.74 -11.52 17.54
C SER A 300 -13.11 -12.43 16.49
N ALA A 301 -12.62 -13.60 16.93
CA ALA A 301 -12.04 -14.62 16.03
C ALA A 301 -13.08 -15.20 15.07
N MET A 302 -14.30 -15.42 15.58
CA MET A 302 -15.41 -15.83 14.74
C MET A 302 -15.67 -14.83 13.61
N LEU A 303 -15.66 -13.53 13.94
CA LEU A 303 -15.85 -12.47 12.96
C LEU A 303 -14.72 -12.48 11.89
N ILE A 304 -13.48 -12.58 12.32
CA ILE A 304 -12.39 -12.70 11.32
C ILE A 304 -12.58 -13.92 10.43
N ASN A 305 -12.90 -15.06 11.03
CA ASN A 305 -13.05 -16.27 10.22
C ASN A 305 -14.19 -16.15 9.23
N PHE A 306 -15.27 -15.52 9.64
CA PHE A 306 -16.42 -15.33 8.77
C PHE A 306 -16.03 -14.46 7.55
N LEU A 307 -15.35 -13.35 7.79
CA LEU A 307 -14.95 -12.42 6.73
C LEU A 307 -13.95 -13.00 5.73
N LEU A 308 -13.08 -13.89 6.20
CA LEU A 308 -11.95 -14.32 5.38
C LEU A 308 -12.09 -15.74 4.83
N ASN A 309 -12.90 -16.56 5.49
CA ASN A 309 -13.04 -17.99 5.14
C ASN A 309 -14.45 -18.47 4.80
N SER A 310 -15.47 -17.92 5.45
CA SER A 310 -16.84 -18.41 5.27
C SER A 310 -17.33 -18.14 3.84
N LYS A 311 -18.17 -19.05 3.31
CA LYS A 311 -18.73 -18.83 1.97
C LYS A 311 -19.46 -17.48 1.89
N GLU A 312 -20.29 -17.15 2.87
CA GLU A 312 -21.06 -15.90 2.78
C GLU A 312 -20.18 -14.65 2.93
N GLY A 313 -19.24 -14.72 3.84
CA GLY A 313 -18.34 -13.59 4.09
C GLY A 313 -17.44 -13.31 2.89
N VAL A 314 -16.83 -14.36 2.36
CA VAL A 314 -15.95 -14.22 1.20
C VAL A 314 -16.74 -13.66 0.03
N GLU A 315 -17.94 -14.19 -0.21
CA GLU A 315 -18.77 -13.72 -1.31
C GLU A 315 -19.07 -12.23 -1.18
N ALA A 316 -19.41 -11.80 0.03
CA ALA A 316 -19.75 -10.40 0.28
C ALA A 316 -18.56 -9.48 0.04
N LEU A 317 -17.42 -9.88 0.57
CA LEU A 317 -16.19 -9.05 0.52
C LEU A 317 -15.54 -8.98 -0.85
N GLY A 318 -15.71 -10.04 -1.64
CA GLY A 318 -15.20 -10.08 -3.00
C GLY A 318 -13.73 -9.71 -3.10
N LEU A 319 -13.40 -8.80 -4.02
CA LEU A 319 -12.01 -8.46 -4.25
C LEU A 319 -11.59 -7.08 -3.74
N GLU A 320 -12.38 -6.50 -2.86
CA GLU A 320 -12.11 -5.14 -2.43
C GLU A 320 -10.78 -4.99 -1.66
N ARG A 321 -10.20 -6.10 -1.20
CA ARG A 321 -8.92 -6.06 -0.50
C ARG A 321 -7.80 -6.75 -1.26
N GLY A 322 -8.05 -7.00 -2.55
CA GLY A 322 -7.12 -7.75 -3.37
C GLY A 322 -7.45 -9.24 -3.45
N VAL A 323 -6.54 -10.03 -4.01
CA VAL A 323 -6.74 -11.48 -4.21
C VAL A 323 -6.54 -12.18 -2.86
N PRO A 324 -7.56 -12.86 -2.33
CA PRO A 324 -7.42 -13.47 -0.99
C PRO A 324 -6.28 -14.47 -0.89
N LEU A 325 -5.59 -14.44 0.25
CA LEU A 325 -4.65 -15.51 0.58
C LEU A 325 -5.35 -16.78 1.02
N SER A 326 -6.50 -16.65 1.66
CA SER A 326 -7.19 -17.85 2.14
C SER A 326 -7.39 -18.81 0.97
N ALA A 327 -6.97 -20.06 1.11
CA ALA A 327 -7.10 -21.06 0.03
C ALA A 327 -8.55 -21.26 -0.38
N THR A 328 -9.44 -21.43 0.60
CA THR A 328 -10.85 -21.60 0.29
C THR A 328 -11.45 -20.34 -0.38
N ALA A 329 -11.09 -19.16 0.13
CA ALA A 329 -11.68 -17.91 -0.42
C ALA A 329 -11.25 -17.68 -1.87
N VAL A 330 -9.96 -17.85 -2.13
CA VAL A 330 -9.46 -17.58 -3.50
C VAL A 330 -10.03 -18.60 -4.49
N THR A 331 -10.17 -19.86 -4.06
CA THR A 331 -10.80 -20.90 -4.88
C THR A 331 -12.25 -20.56 -5.17
N GLN A 332 -12.97 -20.11 -4.15
CA GLN A 332 -14.37 -19.71 -4.29
C GLN A 332 -14.57 -18.59 -5.31
N LEU A 333 -13.68 -17.59 -5.27
CA LEU A 333 -13.82 -16.40 -6.11
C LEU A 333 -13.38 -16.69 -7.53
N ARG A 334 -12.49 -17.65 -7.71
CA ARG A 334 -12.16 -18.10 -9.07
C ARG A 334 -13.36 -18.85 -9.63
N ALA A 335 -13.94 -19.72 -8.81
CA ALA A 335 -15.08 -20.54 -9.19
C ALA A 335 -16.33 -19.72 -9.52
N SER A 336 -16.51 -18.60 -8.81
CA SER A 336 -17.63 -17.71 -9.06
C SER A 336 -17.40 -16.76 -10.23
N GLY A 337 -16.20 -16.81 -10.81
CA GLY A 337 -15.84 -15.96 -11.93
C GLY A 337 -15.56 -14.52 -11.52
N VAL A 338 -15.39 -14.30 -10.21
CA VAL A 338 -15.07 -12.97 -9.70
C VAL A 338 -13.60 -12.62 -9.94
N ILE A 339 -12.71 -13.60 -9.79
CA ILE A 339 -11.30 -13.41 -10.09
C ILE A 339 -11.06 -13.77 -11.55
N LYS A 340 -10.62 -12.79 -12.32
CA LYS A 340 -10.41 -12.89 -13.76
C LYS A 340 -8.97 -12.54 -14.01
N ASP A 341 -8.26 -13.38 -14.75
CA ASP A 341 -6.84 -13.14 -15.00
C ASP A 341 -6.55 -11.83 -15.75
N GLU A 342 -7.50 -11.38 -16.54
CA GLU A 342 -7.33 -10.13 -17.29
C GLU A 342 -7.60 -8.88 -16.46
N ASP A 343 -8.03 -9.04 -15.21
CA ASP A 343 -8.39 -7.86 -14.45
CA ASP A 343 -8.40 -7.90 -14.39
C ASP A 343 -7.10 -7.26 -13.92
N PRO A 344 -7.03 -5.93 -14.00
CA PRO A 344 -5.78 -5.23 -13.73
C PRO A 344 -5.21 -5.54 -12.34
N SER A 345 -6.08 -5.75 -11.35
CA SER A 345 -5.56 -6.08 -10.03
C SER A 345 -4.93 -7.48 -10.01
N VAL A 346 -5.55 -8.40 -10.73
CA VAL A 346 -5.07 -9.78 -10.76
C VAL A 346 -3.81 -9.83 -11.65
N ALA A 347 -3.87 -9.17 -12.81
CA ALA A 347 -2.76 -9.23 -13.74
C ALA A 347 -1.52 -8.58 -13.11
N GLY A 348 -1.76 -7.51 -12.35
CA GLY A 348 -0.69 -6.80 -11.67
C GLY A 348 0.03 -7.67 -10.66
N LEU A 349 -0.75 -8.46 -9.93
CA LEU A 349 -0.15 -9.39 -8.97
C LEU A 349 0.69 -10.46 -9.70
N ASN A 350 0.14 -11.04 -10.76
CA ASN A 350 0.88 -12.05 -11.51
C ASN A 350 2.19 -11.49 -12.10
N MET A 351 2.16 -10.27 -12.62
CA MET A 351 3.37 -9.68 -13.18
C MET A 351 4.41 -9.50 -12.08
N ALA A 352 3.98 -8.94 -10.95
CA ALA A 352 4.86 -8.75 -9.81
C ALA A 352 5.50 -10.04 -9.30
N LEU A 353 4.73 -11.12 -9.27
CA LEU A 353 5.29 -12.39 -8.77
C LEU A 353 6.39 -12.95 -9.67
N GLU A 354 6.31 -12.66 -10.97
CA GLU A 354 7.29 -13.17 -11.92
C GLU A 354 8.55 -12.28 -11.94
N LEU A 355 8.44 -11.03 -11.50
CA LEU A 355 9.61 -10.17 -11.39
C LEU A 355 10.53 -10.73 -10.30
N PRO A 356 11.84 -10.72 -10.50
CA PRO A 356 12.77 -11.17 -9.45
C PRO A 356 12.61 -10.24 -8.23
N HIS A 357 12.22 -10.80 -7.09
CA HIS A 357 11.87 -9.96 -5.95
C HIS A 357 12.32 -10.55 -4.60
N LYS A 358 13.51 -11.15 -4.60
CA LYS A 358 14.06 -11.77 -3.39
C LYS A 358 14.27 -10.77 -2.22
N MET A 359 14.63 -9.53 -2.52
CA MET A 359 14.83 -8.50 -1.49
C MET A 359 13.48 -8.17 -0.80
N THR A 360 13.37 -8.33 0.51
CA THR A 360 12.10 -7.95 1.18
C THR A 360 12.24 -6.59 1.90
N THR A 361 11.33 -5.69 1.60
CA THR A 361 11.33 -4.39 2.27
C THR A 361 11.25 -4.52 3.82
N SER A 362 12.06 -3.73 4.51
CA SER A 362 11.98 -3.62 5.98
C SER A 362 10.72 -2.82 6.32
N PRO A 363 9.97 -3.19 7.36
CA PRO A 363 8.80 -2.39 7.76
C PRO A 363 9.17 -0.95 8.19
N TYR A 364 10.43 -0.76 8.59
CA TYR A 364 10.92 0.57 8.96
C TYR A 364 11.07 1.49 7.76
N PHE A 365 11.13 0.90 6.57
CA PHE A 365 11.13 1.70 5.34
C PHE A 365 9.83 2.48 5.17
N ASP A 366 8.77 1.95 5.79
CA ASP A 366 7.44 2.55 5.71
C ASP A 366 7.02 3.11 7.07
N ASP A 367 7.98 3.44 7.92
CA ASP A 367 7.66 4.14 9.17
C ASP A 367 7.03 5.46 8.77
N PRO A 368 5.87 5.81 9.34
CA PRO A 368 5.16 7.01 8.90
C PRO A 368 5.95 8.32 9.10
N GLN A 369 6.83 8.40 10.10
CA GLN A 369 7.68 9.57 10.23
C GLN A 369 8.77 9.63 9.14
N ILE A 370 9.29 8.47 8.72
CA ILE A 370 10.18 8.41 7.54
C ILE A 370 9.43 8.87 6.29
N VAL A 371 8.20 8.38 6.11
CA VAL A 371 7.41 8.77 4.94
C VAL A 371 7.12 10.28 4.93
N SER A 372 6.75 10.81 6.10
CA SER A 372 6.53 12.25 6.26
C SER A 372 7.80 13.07 5.98
N LEU A 373 8.93 12.62 6.51
CA LEU A 373 10.22 13.27 6.31
C LEU A 373 10.57 13.34 4.83
N PHE A 374 10.29 12.26 4.12
CA PHE A 374 10.51 12.26 2.67
C PHE A 374 9.71 13.35 1.95
N GLY A 375 8.43 13.48 2.30
CA GLY A 375 7.59 14.54 1.76
C GLY A 375 8.13 15.94 2.03
N ASP A 376 8.63 16.17 3.25
CA ASP A 376 9.28 17.44 3.60
C ASP A 376 10.49 17.67 2.73
N ALA A 377 11.29 16.61 2.55
CA ALA A 377 12.53 16.65 1.78
C ALA A 377 12.32 17.08 0.33
N ILE A 378 11.41 16.42 -0.38
CA ILE A 378 11.16 16.79 -1.78
C ILE A 378 10.52 18.16 -1.90
N GLN A 379 9.69 18.53 -0.92
CA GLN A 379 9.13 19.88 -0.85
C GLN A 379 10.23 20.93 -0.76
N TYR A 380 11.27 20.66 0.03
CA TYR A 380 12.44 21.57 0.14
C TYR A 380 13.08 21.81 -1.21
N ILE A 381 13.28 20.74 -1.97
CA ILE A 381 13.77 20.85 -3.34
C ILE A 381 12.84 21.67 -4.26
N ASP A 382 11.55 21.31 -4.31
CA ASP A 382 10.63 21.92 -5.27
C ASP A 382 10.38 23.41 -4.98
N TYR A 383 10.36 23.78 -3.70
CA TYR A 383 10.17 25.18 -3.28
C TYR A 383 11.48 26.00 -3.21
N GLY A 384 12.59 25.38 -3.60
CA GLY A 384 13.90 26.05 -3.67
C GLY A 384 14.52 26.48 -2.35
N GLN A 385 14.29 25.69 -1.30
CA GLN A 385 14.80 26.02 0.04
C GLN A 385 16.05 25.22 0.38
N LYS A 386 16.25 24.10 -0.30
CA LYS A 386 17.47 23.31 -0.14
C LYS A 386 17.88 22.83 -1.51
N THR A 387 19.18 22.73 -1.75
CA THR A 387 19.63 22.14 -2.99
C THR A 387 19.44 20.63 -2.87
N VAL A 388 19.65 19.91 -3.98
CA VAL A 388 19.59 18.46 -3.97
C VAL A 388 20.60 17.88 -2.96
N GLN A 389 21.85 18.36 -3.05
CA GLN A 389 22.90 18.06 -2.07
C GLN A 389 22.46 18.23 -0.61
N GLU A 390 21.93 19.42 -0.27
CA GLU A 390 21.55 19.70 1.12
C GLU A 390 20.35 18.82 1.55
N THR A 391 19.43 18.58 0.63
CA THR A 391 18.26 17.75 0.93
C THR A 391 18.67 16.29 1.23
N ALA A 392 19.55 15.73 0.41
CA ALA A 392 20.11 14.40 0.60
C ALA A 392 20.76 14.21 1.98
N GLU A 393 21.63 15.16 2.34
CA GLU A 393 22.26 15.15 3.67
C GLU A 393 21.25 15.27 4.80
N TYR A 394 20.27 16.14 4.61
CA TYR A 394 19.19 16.34 5.58
C TYR A 394 18.34 15.06 5.74
N PHE A 395 18.01 14.42 4.62
CA PHE A 395 17.21 13.19 4.71
C PHE A 395 17.98 12.07 5.40
N ASN A 396 19.25 11.94 5.07
CA ASN A 396 20.13 10.91 5.65
C ASN A 396 20.26 11.12 7.16
N LYS A 397 20.46 12.37 7.58
CA LYS A 397 20.68 12.67 9.00
C LYS A 397 19.41 12.51 9.83
N GLN A 398 18.35 13.20 9.42
CA GLN A 398 17.06 13.15 10.11
C GLN A 398 16.40 11.79 10.05
N GLY A 399 16.52 11.11 8.91
CA GLY A 399 16.03 9.74 8.77
C GLY A 399 16.70 8.75 9.70
N ASP A 400 18.03 8.79 9.80
CA ASP A 400 18.76 7.93 10.74
C ASP A 400 18.33 8.19 12.20
N ARG A 401 18.05 9.46 12.52
CA ARG A 401 17.50 9.83 13.84
C ARG A 401 16.12 9.20 14.09
N ILE A 402 15.23 9.33 13.11
CA ILE A 402 13.87 8.76 13.19
C ILE A 402 13.96 7.24 13.34
N LEU A 403 14.80 6.62 12.53
CA LEU A 403 15.00 5.16 12.56
C LEU A 403 15.43 4.68 13.94
N LYS A 404 16.32 5.43 14.57
CA LYS A 404 16.75 5.09 15.91
C LYS A 404 15.61 5.15 16.94
N ARG A 405 14.75 6.16 16.84
CA ARG A 405 13.55 6.25 17.70
C ARG A 405 12.54 5.14 17.37
N ALA A 406 12.32 4.93 16.07
CA ALA A 406 11.40 3.92 15.56
C ALA A 406 11.81 2.48 15.96
N MET A 407 13.10 2.22 16.00
CA MET A 407 13.60 0.88 16.22
C MET A 407 14.03 0.66 17.67
N ARG A 408 13.64 1.58 18.56
CA ARG A 408 13.88 1.38 19.97
C ARG A 408 12.68 0.71 20.66
#